data_8RPA
#
_entry.id   8RPA
#
_cell.length_a   51.049
_cell.length_b   117.49
_cell.length_c   165.958
_cell.angle_alpha   90
_cell.angle_beta   90
_cell.angle_gamma   90
#
_symmetry.space_group_name_H-M   'I 21 21 21'
#
loop_
_entity.id
_entity.type
_entity.pdbx_description
1 polymer 'Adenosine kinase'
2 non-polymer "BIS(ADENOSINE)-5'-PENTAPHOSPHATE"
3 non-polymer 1,2-ETHANEDIOL
4 non-polymer DI(HYDROXYETHYL)ETHER
5 non-polymer 'CHLORIDE ION'
6 water water
#
_entity_poly.entity_id   1
_entity_poly.type   'polypeptide(L)'
_entity_poly.pdbx_seq_one_letter_code
;MGSSHHHHHHSQDPNSSSASSGYEGILLGMGNPLLDISAVVDEGFLAKYDVKPGNAILAEDKHLPMYDELASKSNVEYIA
GGATQNSIRVAQWMLQIPGASSYIGCIGKDKFGEEMKKNAQAAGINAHYHEDENAPTGTCAVCVVGGERSLIANLSAANC
YKSEHLKKPENWALVEKAKYIYIAGFFLTVSPDSIQLVAEHAAATNKVFMMNLSAPFICEVFRDAQEKALPYVDYIFGNE
TEARTFAKVRGWETENVEEIALKISQLPKASGTHKKITVITQGCDPVVVADDGKVKTFPVILLPKEKLVDTNGAGDAFVG
GFLSQLVQEKNIDECVRAACYAANVVIQRSGCTYPEKPDFN
;
_entity_poly.pdbx_strand_id   A
#
# COMPACT_ATOMS: atom_id res chain seq x y z
N SER A 21 5.55 5.16 -26.14
CA SER A 21 5.01 6.25 -25.32
C SER A 21 6.00 6.71 -24.25
N GLY A 22 5.89 7.97 -23.85
CA GLY A 22 6.75 8.56 -22.84
C GLY A 22 6.54 8.02 -21.44
N TYR A 23 5.33 7.52 -21.14
CA TYR A 23 5.00 6.97 -19.83
C TYR A 23 5.43 5.50 -19.65
N GLU A 24 6.17 4.88 -20.59
CA GLU A 24 6.54 3.46 -20.46
C GLU A 24 7.38 3.20 -19.21
N GLY A 25 6.81 2.43 -18.27
CA GLY A 25 7.46 2.08 -17.01
C GLY A 25 7.79 3.29 -16.15
N ILE A 26 6.94 4.32 -16.17
CA ILE A 26 7.18 5.56 -15.41
C ILE A 26 6.91 5.38 -13.90
N LEU A 27 6.10 4.38 -13.50
CA LEU A 27 5.77 4.14 -12.10
C LEU A 27 6.13 2.70 -11.69
N LEU A 28 6.94 2.56 -10.62
CA LEU A 28 7.32 1.24 -10.12
C LEU A 28 6.90 1.08 -8.67
N GLY A 29 6.45 -0.11 -8.33
CA GLY A 29 6.11 -0.49 -6.97
C GLY A 29 6.88 -1.72 -6.57
N MET A 30 7.22 -1.83 -5.30
CA MET A 30 7.93 -2.98 -4.78
C MET A 30 7.29 -3.34 -3.45
N GLY A 31 6.95 -4.61 -3.27
CA GLY A 31 6.29 -5.05 -2.05
C GLY A 31 6.06 -6.53 -1.90
N ASN A 32 5.01 -6.87 -1.14
CA ASN A 32 4.62 -8.23 -0.83
C ASN A 32 3.40 -8.66 -1.64
N PRO A 33 3.54 -9.46 -2.71
CA PRO A 33 2.34 -9.92 -3.43
C PRO A 33 1.64 -11.04 -2.62
N LEU A 34 0.45 -10.75 -2.08
CA LEU A 34 -0.29 -11.67 -1.22
C LEU A 34 -1.68 -11.97 -1.72
N LEU A 35 -2.08 -13.25 -1.83
CA LEU A 35 -3.45 -13.57 -2.22
C LEU A 35 -4.30 -13.45 -0.96
N ASP A 36 -5.32 -12.58 -0.99
CA ASP A 36 -6.22 -12.36 0.13
C ASP A 36 -7.27 -13.45 0.21
N ILE A 37 -7.39 -14.09 1.38
CA ILE A 37 -8.37 -15.12 1.66
C ILE A 37 -9.37 -14.43 2.60
N SER A 38 -10.45 -13.88 2.03
CA SER A 38 -11.43 -13.11 2.79
C SER A 38 -12.70 -13.92 3.03
N ALA A 39 -13.31 -13.76 4.23
CA ALA A 39 -14.55 -14.43 4.59
C ALA A 39 -15.25 -13.70 5.76
N VAL A 40 -16.58 -13.76 5.82
CA VAL A 40 -17.35 -13.15 6.90
C VAL A 40 -17.40 -14.17 8.05
N VAL A 41 -16.90 -13.79 9.24
CA VAL A 41 -16.84 -14.67 10.41
C VAL A 41 -17.60 -14.04 11.63
N ASP A 42 -17.61 -14.73 12.80
CA ASP A 42 -18.26 -14.28 14.04
C ASP A 42 -17.20 -13.87 15.11
N GLU A 43 -17.65 -13.40 16.29
CA GLU A 43 -16.76 -13.02 17.40
C GLU A 43 -15.90 -14.21 17.86
N GLY A 44 -16.50 -15.40 17.95
CA GLY A 44 -15.82 -16.62 18.35
C GLY A 44 -14.64 -17.02 17.49
N PHE A 45 -14.70 -16.73 16.18
CA PHE A 45 -13.60 -17.05 15.27
C PHE A 45 -12.37 -16.21 15.60
N LEU A 46 -12.54 -14.91 15.88
CA LEU A 46 -11.44 -14.03 16.23
C LEU A 46 -10.90 -14.35 17.62
N ALA A 47 -11.80 -14.71 18.56
CA ALA A 47 -11.39 -15.10 19.91
C ALA A 47 -10.59 -16.41 19.90
N LYS A 48 -10.94 -17.34 18.99
CA LYS A 48 -10.23 -18.61 18.82
C LYS A 48 -8.75 -18.37 18.50
N TYR A 49 -8.48 -17.48 17.53
CA TYR A 49 -7.11 -17.16 17.11
C TYR A 49 -6.50 -15.92 17.79
N ASP A 50 -7.20 -15.33 18.79
CA ASP A 50 -6.77 -14.17 19.54
C ASP A 50 -6.32 -13.02 18.63
N VAL A 51 -7.24 -12.55 17.78
CA VAL A 51 -6.98 -11.45 16.85
C VAL A 51 -7.95 -10.32 17.17
N LYS A 52 -7.43 -9.10 17.34
CA LYS A 52 -8.25 -7.94 17.66
C LYS A 52 -8.94 -7.42 16.38
N PRO A 53 -10.23 -7.03 16.41
CA PRO A 53 -10.86 -6.52 15.17
C PRO A 53 -10.33 -5.15 14.75
N GLY A 54 -10.33 -4.89 13.44
CA GLY A 54 -9.84 -3.64 12.88
C GLY A 54 -8.36 -3.40 13.12
N ASN A 55 -7.53 -4.45 13.03
N ASN A 55 -7.53 -4.45 13.01
CA ASN A 55 -6.09 -4.36 13.24
CA ASN A 55 -6.10 -4.37 13.26
C ASN A 55 -5.35 -5.34 12.32
C ASN A 55 -5.34 -5.36 12.35
N ALA A 56 -4.15 -4.96 11.88
CA ALA A 56 -3.30 -5.79 11.01
C ALA A 56 -2.13 -6.34 11.81
N ILE A 57 -1.79 -7.61 11.61
CA ILE A 57 -0.68 -8.29 12.30
C ILE A 57 0.01 -9.27 11.32
N LEU A 58 1.22 -9.71 11.66
CA LEU A 58 1.94 -10.71 10.87
C LEU A 58 1.60 -12.08 11.48
N ALA A 59 1.42 -13.08 10.63
CA ALA A 59 1.05 -14.41 11.07
C ALA A 59 2.12 -15.11 11.91
N GLU A 60 1.67 -15.70 13.02
CA GLU A 60 2.48 -16.51 13.93
C GLU A 60 2.12 -18.00 13.68
N ASP A 61 2.82 -18.94 14.33
CA ASP A 61 2.56 -20.36 14.14
C ASP A 61 1.11 -20.74 14.54
N LYS A 62 0.57 -20.16 15.62
CA LYS A 62 -0.79 -20.43 16.06
C LYS A 62 -1.88 -20.02 15.06
N HIS A 63 -1.58 -19.04 14.20
CA HIS A 63 -2.52 -18.55 13.21
C HIS A 63 -2.54 -19.37 11.91
N LEU A 64 -1.59 -20.30 11.70
CA LEU A 64 -1.50 -21.04 10.44
C LEU A 64 -2.72 -21.96 10.11
N PRO A 65 -3.33 -22.74 11.06
CA PRO A 65 -4.50 -23.56 10.67
C PRO A 65 -5.73 -22.76 10.22
N MET A 66 -5.83 -21.49 10.64
CA MET A 66 -6.89 -20.53 10.28
C MET A 66 -7.02 -20.37 8.76
N TYR A 67 -5.93 -20.50 8.01
CA TYR A 67 -5.97 -20.37 6.55
C TYR A 67 -6.75 -21.53 5.92
N ASP A 68 -6.57 -22.75 6.45
CA ASP A 68 -7.32 -23.91 5.98
C ASP A 68 -8.78 -23.81 6.44
N GLU A 69 -9.03 -23.31 7.66
CA GLU A 69 -10.38 -23.14 8.20
C GLU A 69 -11.17 -22.14 7.34
N LEU A 70 -10.53 -21.05 6.89
CA LEU A 70 -11.19 -20.08 6.03
C LEU A 70 -11.44 -20.67 4.64
N ALA A 71 -10.45 -21.40 4.09
CA ALA A 71 -10.55 -22.06 2.78
C ALA A 71 -11.74 -23.03 2.70
N SER A 72 -12.09 -23.67 3.83
CA SER A 72 -13.19 -24.61 3.88
C SER A 72 -14.58 -23.96 3.88
N LYS A 73 -14.67 -22.63 4.05
CA LYS A 73 -15.95 -21.94 4.10
C LYS A 73 -16.58 -21.75 2.72
N SER A 74 -17.91 -21.68 2.69
CA SER A 74 -18.67 -21.45 1.44
C SER A 74 -18.56 -20.01 0.95
N ASN A 75 -18.40 -19.05 1.88
CA ASN A 75 -18.31 -17.62 1.55
C ASN A 75 -16.88 -17.13 1.32
N VAL A 76 -15.90 -18.04 1.12
CA VAL A 76 -14.51 -17.63 0.93
C VAL A 76 -14.32 -16.96 -0.44
N GLU A 77 -13.59 -15.84 -0.45
CA GLU A 77 -13.26 -15.05 -1.64
C GLU A 77 -11.74 -15.00 -1.74
N TYR A 78 -11.20 -15.16 -2.96
CA TYR A 78 -9.77 -15.10 -3.21
C TYR A 78 -9.51 -13.95 -4.19
N ILE A 79 -8.76 -12.94 -3.76
CA ILE A 79 -8.45 -11.77 -4.60
C ILE A 79 -6.97 -11.45 -4.45
N ALA A 80 -6.29 -11.16 -5.56
CA ALA A 80 -4.87 -10.80 -5.52
C ALA A 80 -4.72 -9.46 -4.78
N GLY A 81 -4.02 -9.49 -3.66
CA GLY A 81 -3.81 -8.36 -2.79
C GLY A 81 -2.37 -7.96 -2.59
N GLY A 82 -2.11 -7.35 -1.43
CA GLY A 82 -0.82 -6.77 -1.08
C GLY A 82 -0.97 -5.27 -1.25
N ALA A 83 -0.63 -4.48 -0.22
CA ALA A 83 -0.79 -3.03 -0.24
C ALA A 83 -0.20 -2.32 -1.48
N THR A 84 1.08 -2.58 -1.83
CA THR A 84 1.71 -1.91 -2.98
C THR A 84 1.09 -2.38 -4.30
N GLN A 85 0.78 -3.68 -4.43
CA GLN A 85 0.17 -4.23 -5.65
C GLN A 85 -1.17 -3.56 -5.91
N ASN A 86 -1.98 -3.39 -4.85
CA ASN A 86 -3.28 -2.75 -4.96
C ASN A 86 -3.15 -1.30 -5.44
N SER A 87 -2.21 -0.53 -4.87
CA SER A 87 -2.00 0.86 -5.28
C SER A 87 -1.52 0.99 -6.73
N ILE A 88 -0.61 0.13 -7.16
CA ILE A 88 -0.12 0.15 -8.55
C ILE A 88 -1.26 -0.24 -9.48
N ARG A 89 -2.05 -1.27 -9.10
CA ARG A 89 -3.22 -1.75 -9.85
C ARG A 89 -4.24 -0.61 -10.08
N VAL A 90 -4.56 0.14 -9.02
CA VAL A 90 -5.52 1.24 -9.08
C VAL A 90 -4.93 2.42 -9.88
N ALA A 91 -3.62 2.72 -9.72
CA ALA A 91 -2.96 3.77 -10.48
C ALA A 91 -3.02 3.47 -11.99
N GLN A 92 -2.66 2.25 -12.41
CA GLN A 92 -2.72 1.82 -13.81
C GLN A 92 -4.15 1.92 -14.35
N TRP A 93 -5.14 1.51 -13.55
CA TRP A 93 -6.55 1.59 -13.93
C TRP A 93 -7.00 3.03 -14.14
N MET A 94 -6.66 3.91 -13.21
CA MET A 94 -7.03 5.34 -13.29
C MET A 94 -6.32 6.04 -14.46
N LEU A 95 -5.06 5.69 -14.69
CA LEU A 95 -4.21 6.30 -15.71
C LEU A 95 -4.59 5.86 -17.13
N GLN A 96 -4.88 4.55 -17.33
CA GLN A 96 -5.28 3.96 -18.62
C GLN A 96 -4.22 4.05 -19.74
N ILE A 97 -2.95 4.33 -19.41
CA ILE A 97 -1.89 4.36 -20.43
C ILE A 97 -1.25 2.95 -20.46
N PRO A 98 -1.29 2.17 -21.56
CA PRO A 98 -0.67 0.83 -21.52
C PRO A 98 0.84 0.84 -21.30
N GLY A 99 1.31 -0.05 -20.41
CA GLY A 99 2.73 -0.21 -20.10
C GLY A 99 3.31 0.79 -19.14
N ALA A 100 2.49 1.67 -18.53
CA ALA A 100 2.97 2.70 -17.63
C ALA A 100 3.43 2.21 -16.25
N SER A 101 2.94 1.05 -15.78
CA SER A 101 3.26 0.55 -14.45
C SER A 101 4.19 -0.68 -14.46
N SER A 102 4.95 -0.83 -13.37
CA SER A 102 5.89 -1.91 -13.13
C SER A 102 5.77 -2.33 -11.66
N TYR A 103 6.07 -3.60 -11.35
CA TYR A 103 5.96 -4.10 -9.98
C TYR A 103 7.01 -5.17 -9.73
N ILE A 104 7.59 -5.17 -8.52
CA ILE A 104 8.61 -6.13 -8.13
C ILE A 104 8.23 -6.78 -6.78
N GLY A 105 8.25 -8.10 -6.74
CA GLY A 105 7.95 -8.86 -5.54
C GLY A 105 8.35 -10.32 -5.65
N CYS A 106 8.10 -11.12 -4.61
CA CYS A 106 8.45 -12.53 -4.60
C CYS A 106 7.23 -13.40 -4.33
N ILE A 107 7.08 -14.48 -5.12
CA ILE A 107 5.95 -15.44 -5.03
C ILE A 107 6.49 -16.89 -5.07
N GLY A 108 5.65 -17.86 -4.75
CA GLY A 108 6.02 -19.26 -4.79
C GLY A 108 5.64 -19.91 -6.11
N LYS A 109 6.18 -21.12 -6.34
CA LYS A 109 5.87 -21.89 -7.56
C LYS A 109 4.64 -22.77 -7.24
N ASP A 110 3.45 -22.15 -7.24
CA ASP A 110 2.20 -22.81 -6.90
C ASP A 110 0.98 -22.15 -7.59
N LYS A 111 -0.24 -22.73 -7.42
CA LYS A 111 -1.49 -22.21 -7.99
C LYS A 111 -1.75 -20.73 -7.65
N PHE A 112 -1.43 -20.28 -6.41
CA PHE A 112 -1.62 -18.89 -6.00
C PHE A 112 -0.64 -17.96 -6.70
N GLY A 113 0.59 -18.43 -6.90
CA GLY A 113 1.59 -17.67 -7.63
C GLY A 113 1.23 -17.48 -9.08
N GLU A 114 0.62 -18.51 -9.70
CA GLU A 114 0.17 -18.43 -11.09
C GLU A 114 -1.07 -17.51 -11.19
N GLU A 115 -1.93 -17.49 -10.16
CA GLU A 115 -3.07 -16.58 -10.09
C GLU A 115 -2.55 -15.13 -9.95
N MET A 116 -1.47 -14.93 -9.18
CA MET A 116 -0.83 -13.62 -9.00
C MET A 116 -0.28 -13.13 -10.34
N LYS A 117 0.38 -14.01 -11.12
CA LYS A 117 0.91 -13.69 -12.44
C LYS A 117 -0.23 -13.40 -13.42
N LYS A 118 -1.32 -14.19 -13.36
CA LYS A 118 -2.49 -14.04 -14.22
C LYS A 118 -3.16 -12.67 -13.97
N ASN A 119 -3.41 -12.33 -12.70
CA ASN A 119 -4.06 -11.07 -12.33
C ASN A 119 -3.22 -9.85 -12.76
N ALA A 120 -1.89 -9.89 -12.58
CA ALA A 120 -1.00 -8.79 -12.96
C ALA A 120 -1.03 -8.51 -14.48
N GLN A 121 -1.16 -9.55 -15.31
CA GLN A 121 -1.23 -9.39 -16.76
C GLN A 121 -2.58 -8.77 -17.16
N ALA A 122 -3.68 -9.19 -16.50
CA ALA A 122 -5.02 -8.65 -16.71
C ALA A 122 -5.08 -7.18 -16.31
N ALA A 123 -4.41 -6.83 -15.20
CA ALA A 123 -4.36 -5.45 -14.69
C ALA A 123 -3.49 -4.50 -15.54
N GLY A 124 -2.62 -5.05 -16.37
CA GLY A 124 -1.73 -4.23 -17.20
C GLY A 124 -0.52 -3.72 -16.47
N ILE A 125 0.03 -4.53 -15.54
CA ILE A 125 1.22 -4.19 -14.77
C ILE A 125 2.37 -5.06 -15.27
N ASN A 126 3.55 -4.49 -15.49
CA ASN A 126 4.71 -5.28 -15.90
C ASN A 126 5.35 -5.82 -14.61
N ALA A 127 4.72 -6.85 -14.04
CA ALA A 127 5.17 -7.45 -12.79
C ALA A 127 6.31 -8.45 -12.97
N HIS A 128 7.50 -8.09 -12.47
CA HIS A 128 8.67 -8.96 -12.49
C HIS A 128 8.68 -9.70 -11.17
N TYR A 129 7.89 -10.78 -11.09
CA TYR A 129 7.78 -11.58 -9.87
C TYR A 129 8.89 -12.63 -9.78
N HIS A 130 9.71 -12.54 -8.72
CA HIS A 130 10.78 -13.50 -8.46
C HIS A 130 10.12 -14.74 -7.85
N GLU A 131 10.26 -15.91 -8.51
CA GLU A 131 9.65 -17.14 -8.01
C GLU A 131 10.62 -17.93 -7.14
N ASP A 132 10.30 -18.06 -5.84
CA ASP A 132 11.11 -18.81 -4.88
C ASP A 132 10.89 -20.31 -5.11
N GLU A 133 11.96 -21.07 -5.02
CA GLU A 133 11.92 -22.52 -5.27
C GLU A 133 11.16 -23.30 -4.19
N ASN A 134 11.36 -22.96 -2.90
CA ASN A 134 10.78 -23.71 -1.77
C ASN A 134 9.55 -23.13 -1.08
N ALA A 135 9.46 -21.80 -0.94
CA ALA A 135 8.36 -21.18 -0.19
C ALA A 135 7.07 -21.02 -0.98
N PRO A 136 5.88 -21.19 -0.36
CA PRO A 136 4.63 -20.93 -1.12
C PRO A 136 4.31 -19.43 -1.19
N THR A 137 3.46 -19.01 -2.13
CA THR A 137 3.06 -17.60 -2.27
C THR A 137 2.39 -17.11 -0.98
N GLY A 138 2.70 -15.89 -0.59
CA GLY A 138 2.14 -15.31 0.63
C GLY A 138 0.64 -15.11 0.56
N THR A 139 -0.02 -15.28 1.70
CA THR A 139 -1.46 -15.12 1.83
C THR A 139 -1.79 -14.09 2.92
N CYS A 140 -3.05 -13.62 2.93
CA CYS A 140 -3.48 -12.67 3.94
C CYS A 140 -4.94 -12.93 4.27
N ALA A 141 -5.20 -13.41 5.48
CA ALA A 141 -6.55 -13.68 5.92
C ALA A 141 -7.25 -12.37 6.21
N VAL A 142 -8.39 -12.12 5.55
CA VAL A 142 -9.17 -10.91 5.77
C VAL A 142 -10.47 -11.34 6.45
N CYS A 143 -10.43 -11.50 7.78
CA CYS A 143 -11.59 -11.92 8.55
C CYS A 143 -12.49 -10.72 8.74
N VAL A 144 -13.74 -10.78 8.23
CA VAL A 144 -14.67 -9.65 8.32
C VAL A 144 -15.74 -9.88 9.38
N VAL A 145 -15.95 -8.87 10.24
CA VAL A 145 -16.96 -8.84 11.29
C VAL A 145 -17.63 -7.46 11.16
N GLY A 146 -18.88 -7.44 10.68
CA GLY A 146 -19.61 -6.20 10.46
C GLY A 146 -18.98 -5.41 9.32
N GLY A 147 -18.34 -4.30 9.66
CA GLY A 147 -17.62 -3.45 8.71
C GLY A 147 -16.18 -3.21 9.09
N GLU A 148 -15.60 -4.12 9.92
CA GLU A 148 -14.23 -4.03 10.41
C GLU A 148 -13.55 -5.37 10.12
N ARG A 149 -12.34 -5.33 9.54
CA ARG A 149 -11.62 -6.57 9.22
C ARG A 149 -10.31 -6.71 9.98
N SER A 150 -9.92 -7.97 10.21
CA SER A 150 -8.66 -8.33 10.88
C SER A 150 -7.79 -8.94 9.79
N LEU A 151 -6.60 -8.38 9.58
CA LEU A 151 -5.69 -8.88 8.57
C LEU A 151 -4.57 -9.64 9.26
N ILE A 152 -4.32 -10.88 8.82
CA ILE A 152 -3.26 -11.73 9.37
C ILE A 152 -2.43 -12.14 8.16
N ALA A 153 -1.30 -11.46 7.95
CA ALA A 153 -0.44 -11.69 6.79
C ALA A 153 0.60 -12.77 6.99
N ASN A 154 0.52 -13.85 6.20
CA ASN A 154 1.52 -14.90 6.20
C ASN A 154 2.31 -14.62 4.94
N LEU A 155 3.47 -13.99 5.08
CA LEU A 155 4.26 -13.54 3.92
C LEU A 155 4.89 -14.69 3.14
N SER A 156 5.39 -15.72 3.82
CA SER A 156 5.98 -16.91 3.19
C SER A 156 7.03 -16.55 2.08
N ALA A 157 6.69 -16.59 0.76
CA ALA A 157 7.64 -16.29 -0.30
C ALA A 157 7.89 -14.80 -0.41
N ALA A 158 6.88 -13.95 -0.11
CA ALA A 158 7.04 -12.50 -0.12
C ALA A 158 8.17 -12.07 0.82
N ASN A 159 8.38 -12.77 1.95
CA ASN A 159 9.46 -12.48 2.90
C ASN A 159 10.85 -12.93 2.41
N CYS A 160 10.93 -13.64 1.27
CA CYS A 160 12.21 -14.11 0.73
C CYS A 160 12.90 -13.11 -0.20
N TYR A 161 12.33 -11.90 -0.43
CA TYR A 161 12.96 -10.95 -1.34
C TYR A 161 14.31 -10.45 -0.76
N LYS A 162 15.38 -10.54 -1.56
CA LYS A 162 16.74 -10.11 -1.21
C LYS A 162 17.17 -8.94 -2.10
N SER A 163 18.08 -8.08 -1.62
CA SER A 163 18.63 -7.00 -2.46
C SER A 163 19.33 -7.57 -3.72
N GLU A 164 19.84 -8.81 -3.62
CA GLU A 164 20.45 -9.57 -4.72
C GLU A 164 19.49 -9.71 -5.90
N HIS A 165 18.20 -9.92 -5.62
CA HIS A 165 17.18 -10.05 -6.66
C HIS A 165 16.96 -8.69 -7.33
N LEU A 166 16.80 -7.63 -6.54
CA LEU A 166 16.62 -6.27 -7.03
C LEU A 166 17.78 -5.84 -7.93
N LYS A 167 19.03 -6.18 -7.55
CA LYS A 167 20.23 -5.82 -8.33
C LYS A 167 20.37 -6.58 -9.66
N LYS A 168 19.49 -7.57 -9.96
CA LYS A 168 19.57 -8.30 -11.24
C LYS A 168 19.33 -7.31 -12.41
N PRO A 169 20.10 -7.32 -13.53
CA PRO A 169 19.87 -6.32 -14.59
C PRO A 169 18.44 -6.21 -15.13
N GLU A 170 17.65 -7.28 -15.04
CA GLU A 170 16.28 -7.29 -15.52
C GLU A 170 15.38 -6.50 -14.56
N ASN A 171 15.61 -6.65 -13.24
CA ASN A 171 14.84 -5.95 -12.23
C ASN A 171 15.31 -4.51 -12.04
N TRP A 172 16.64 -4.28 -12.02
CA TRP A 172 17.18 -2.93 -11.84
C TRP A 172 16.84 -2.02 -13.02
N ALA A 173 16.62 -2.57 -14.23
CA ALA A 173 16.20 -1.76 -15.38
C ALA A 173 14.88 -1.05 -15.10
N LEU A 174 13.96 -1.70 -14.37
CA LEU A 174 12.68 -1.09 -14.02
C LEU A 174 12.88 0.09 -13.06
N VAL A 175 13.88 0.02 -12.17
CA VAL A 175 14.20 1.08 -11.22
C VAL A 175 14.71 2.31 -11.99
N GLU A 176 15.62 2.08 -12.94
CA GLU A 176 16.20 3.15 -13.76
C GLU A 176 15.19 3.82 -14.69
N LYS A 177 14.31 3.04 -15.33
CA LYS A 177 13.28 3.55 -16.24
C LYS A 177 12.24 4.39 -15.47
N ALA A 178 11.89 3.97 -14.25
CA ALA A 178 10.89 4.68 -13.46
C ALA A 178 11.34 6.05 -13.02
N LYS A 179 10.39 6.97 -12.91
CA LYS A 179 10.57 8.33 -12.39
C LYS A 179 9.89 8.47 -11.02
N TYR A 180 8.81 7.69 -10.77
CA TYR A 180 8.04 7.64 -9.53
C TYR A 180 8.13 6.22 -8.99
N ILE A 181 8.49 6.05 -7.70
CA ILE A 181 8.66 4.73 -7.07
C ILE A 181 7.87 4.74 -5.76
N TYR A 182 6.99 3.75 -5.55
CA TYR A 182 6.17 3.65 -4.35
C TYR A 182 6.38 2.32 -3.62
N ILE A 183 6.54 2.35 -2.29
CA ILE A 183 6.69 1.16 -1.46
C ILE A 183 5.86 1.32 -0.18
N ALA A 184 4.90 0.42 0.07
CA ALA A 184 4.13 0.48 1.32
C ALA A 184 5.05 0.13 2.51
N GLY A 185 4.83 0.74 3.67
CA GLY A 185 5.60 0.48 4.86
C GLY A 185 5.66 -0.98 5.26
N PHE A 186 4.71 -1.79 4.79
CA PHE A 186 4.71 -3.23 5.08
C PHE A 186 5.99 -3.92 4.60
N PHE A 187 6.58 -3.47 3.46
CA PHE A 187 7.78 -4.11 2.93
C PHE A 187 9.04 -3.85 3.81
N LEU A 188 8.96 -2.96 4.83
CA LEU A 188 10.06 -2.72 5.77
C LEU A 188 10.33 -3.93 6.69
N THR A 189 9.37 -4.86 6.83
CA THR A 189 9.55 -6.09 7.60
C THR A 189 10.34 -7.12 6.77
N VAL A 190 10.19 -7.08 5.43
CA VAL A 190 10.79 -8.02 4.50
C VAL A 190 12.22 -7.62 4.14
N SER A 191 12.44 -6.44 3.51
CA SER A 191 13.78 -6.05 3.09
C SER A 191 14.05 -4.54 3.19
N PRO A 192 14.36 -4.03 4.40
CA PRO A 192 14.76 -2.61 4.51
C PRO A 192 16.00 -2.26 3.68
N ASP A 193 16.88 -3.23 3.39
CA ASP A 193 18.07 -2.97 2.61
C ASP A 193 17.74 -2.83 1.12
N SER A 194 16.75 -3.55 0.61
CA SER A 194 16.31 -3.38 -0.78
C SER A 194 15.62 -2.01 -0.92
N ILE A 195 14.79 -1.63 0.07
CA ILE A 195 14.11 -0.33 0.13
C ILE A 195 15.16 0.80 0.07
N GLN A 196 16.20 0.68 0.90
CA GLN A 196 17.25 1.68 0.99
C GLN A 196 18.05 1.81 -0.30
N LEU A 197 18.22 0.71 -1.04
CA LEU A 197 18.97 0.73 -2.29
C LEU A 197 18.23 1.54 -3.36
N VAL A 198 16.90 1.34 -3.52
CA VAL A 198 16.13 2.13 -4.48
C VAL A 198 15.93 3.57 -3.96
N ALA A 199 15.81 3.76 -2.63
CA ALA A 199 15.65 5.08 -2.06
C ALA A 199 16.90 5.95 -2.30
N GLU A 200 18.10 5.37 -2.12
CA GLU A 200 19.34 6.09 -2.37
C GLU A 200 19.53 6.41 -3.86
N HIS A 201 19.05 5.53 -4.75
CA HIS A 201 19.10 5.76 -6.20
C HIS A 201 18.18 6.95 -6.56
N ALA A 202 16.97 7.00 -5.99
CA ALA A 202 16.02 8.06 -6.27
C ALA A 202 16.53 9.42 -5.82
N ALA A 203 17.20 9.49 -4.66
CA ALA A 203 17.76 10.75 -4.20
C ALA A 203 18.87 11.22 -5.14
N ALA A 204 19.75 10.30 -5.56
CA ALA A 204 20.85 10.61 -6.46
C ALA A 204 20.42 10.94 -7.89
N THR A 205 19.21 10.55 -8.30
CA THR A 205 18.71 10.80 -9.65
C THR A 205 17.49 11.73 -9.68
N ASN A 206 17.25 12.50 -8.59
CA ASN A 206 16.13 13.44 -8.49
C ASN A 206 14.78 12.85 -8.86
N LYS A 207 14.53 11.59 -8.47
CA LYS A 207 13.26 10.92 -8.73
C LYS A 207 12.35 11.05 -7.50
N VAL A 208 11.07 10.74 -7.67
CA VAL A 208 10.10 10.85 -6.60
C VAL A 208 9.96 9.48 -5.93
N PHE A 209 10.57 9.32 -4.75
CA PHE A 209 10.45 8.10 -3.97
C PHE A 209 9.34 8.34 -2.95
N MET A 210 8.46 7.35 -2.74
CA MET A 210 7.35 7.52 -1.81
C MET A 210 6.94 6.24 -1.11
N MET A 211 6.38 6.41 0.10
CA MET A 211 6.03 5.31 0.98
C MET A 211 4.70 5.56 1.74
N ASN A 212 4.20 4.51 2.38
CA ASN A 212 3.00 4.49 3.21
C ASN A 212 3.42 4.14 4.65
N LEU A 213 2.66 4.60 5.64
CA LEU A 213 2.89 4.19 7.04
C LEU A 213 2.38 2.72 7.26
N SER A 214 1.36 2.30 6.47
CA SER A 214 0.75 0.96 6.38
C SER A 214 -0.06 0.49 7.62
N ALA A 215 0.57 0.43 8.81
CA ALA A 215 -0.12 -0.05 10.00
C ALA A 215 0.54 0.46 11.29
N PRO A 216 -0.20 0.59 12.42
CA PRO A 216 0.45 1.00 13.67
C PRO A 216 1.64 0.12 14.08
N PHE A 217 1.59 -1.21 13.85
CA PHE A 217 2.72 -2.09 14.20
C PHE A 217 3.99 -1.78 13.39
N ILE A 218 3.85 -1.17 12.20
CA ILE A 218 5.01 -0.78 11.40
C ILE A 218 5.69 0.41 12.09
N CYS A 219 4.90 1.37 12.59
CA CYS A 219 5.40 2.55 13.29
C CYS A 219 5.99 2.18 14.67
N GLU A 220 5.44 1.16 15.36
CA GLU A 220 5.88 0.76 16.70
C GLU A 220 7.03 -0.24 16.71
N VAL A 221 6.89 -1.36 15.98
CA VAL A 221 7.88 -2.43 15.97
C VAL A 221 9.02 -2.13 14.99
N PHE A 222 8.70 -1.64 13.79
CA PHE A 222 9.69 -1.35 12.76
C PHE A 222 9.98 0.14 12.70
N ARG A 223 10.21 0.76 13.86
CA ARG A 223 10.46 2.19 13.94
C ARG A 223 11.85 2.58 13.41
N ASP A 224 12.87 1.74 13.62
CA ASP A 224 14.22 2.04 13.15
C ASP A 224 14.32 1.91 11.64
N ALA A 225 13.70 0.86 11.08
CA ALA A 225 13.68 0.64 9.63
C ALA A 225 12.96 1.78 8.91
N GLN A 226 11.82 2.22 9.46
CA GLN A 226 11.02 3.31 8.90
C GLN A 226 11.80 4.65 8.99
N GLU A 227 12.38 4.93 10.17
CA GLU A 227 13.19 6.13 10.42
C GLU A 227 14.36 6.27 9.43
N LYS A 228 14.98 5.15 9.05
CA LYS A 228 16.11 5.17 8.13
C LYS A 228 15.65 5.48 6.72
N ALA A 229 14.51 4.92 6.29
CA ALA A 229 13.98 5.15 4.96
C ALA A 229 13.33 6.54 4.77
N LEU A 230 12.63 7.06 5.80
CA LEU A 230 11.91 8.34 5.71
C LEU A 230 12.68 9.55 5.10
N PRO A 231 13.97 9.84 5.43
CA PRO A 231 14.61 11.01 4.81
C PRO A 231 14.57 11.02 3.28
N TYR A 232 14.51 9.83 2.67
CA TYR A 232 14.43 9.70 1.21
C TYR A 232 12.99 9.82 0.65
N VAL A 233 11.96 9.89 1.50
CA VAL A 233 10.56 9.93 1.09
C VAL A 233 10.13 11.37 0.73
N ASP A 234 9.56 11.53 -0.47
CA ASP A 234 9.06 12.80 -0.99
C ASP A 234 7.53 12.93 -0.76
N TYR A 235 6.79 11.80 -0.74
CA TYR A 235 5.35 11.80 -0.44
C TYR A 235 5.06 10.68 0.56
N ILE A 236 4.75 11.02 1.82
CA ILE A 236 4.41 10.01 2.84
C ILE A 236 2.90 10.02 2.99
N PHE A 237 2.28 8.83 2.87
CA PHE A 237 0.83 8.66 2.99
C PHE A 237 0.49 7.89 4.25
N GLY A 238 -0.74 8.07 4.72
CA GLY A 238 -1.22 7.35 5.90
C GLY A 238 -2.59 7.78 6.34
N ASN A 239 -3.16 7.07 7.31
CA ASN A 239 -4.44 7.40 7.91
C ASN A 239 -4.23 8.07 9.27
N GLU A 240 -5.30 8.62 9.85
CA GLU A 240 -5.20 9.33 11.13
C GLU A 240 -4.65 8.49 12.29
N THR A 241 -5.01 7.19 12.38
CA THR A 241 -4.57 6.33 13.48
C THR A 241 -3.07 6.05 13.45
N GLU A 242 -2.55 5.64 12.29
CA GLU A 242 -1.11 5.38 12.14
C GLU A 242 -0.28 6.69 12.21
N ALA A 243 -0.88 7.87 11.94
CA ALA A 243 -0.19 9.15 12.11
C ALA A 243 -0.08 9.47 13.61
N ARG A 244 -1.13 9.18 14.40
CA ARG A 244 -1.13 9.39 15.85
C ARG A 244 -0.17 8.40 16.53
N THR A 245 -0.07 7.17 16.00
CA THR A 245 0.86 6.15 16.51
C THR A 245 2.29 6.66 16.27
N PHE A 246 2.57 7.19 15.06
CA PHE A 246 3.85 7.76 14.68
C PHE A 246 4.25 8.91 15.62
N ALA A 247 3.30 9.80 15.94
CA ALA A 247 3.55 10.92 16.83
C ALA A 247 3.84 10.45 18.27
N LYS A 248 3.08 9.48 18.78
CA LYS A 248 3.31 8.94 20.13
C LYS A 248 4.68 8.25 20.25
N VAL A 249 5.12 7.55 19.19
CA VAL A 249 6.41 6.84 19.20
C VAL A 249 7.56 7.86 19.32
N ARG A 250 7.50 8.96 18.55
CA ARG A 250 8.52 10.01 18.59
C ARG A 250 8.36 11.03 19.75
N GLY A 251 7.50 10.73 20.72
CA GLY A 251 7.29 11.59 21.87
C GLY A 251 6.63 12.94 21.63
N TRP A 252 6.01 13.16 20.46
CA TRP A 252 5.34 14.44 20.19
C TRP A 252 4.03 14.45 20.98
N GLU A 253 3.87 15.39 21.92
CA GLU A 253 2.65 15.47 22.74
C GLU A 253 1.54 16.14 21.96
N THR A 254 0.96 15.41 20.98
CA THR A 254 -0.11 15.91 20.13
C THR A 254 -0.90 14.77 19.48
N GLU A 255 -2.23 14.93 19.43
CA GLU A 255 -3.17 14.04 18.73
C GLU A 255 -3.74 14.74 17.47
N ASN A 256 -3.52 16.07 17.29
CA ASN A 256 -4.04 16.79 16.12
C ASN A 256 -3.29 16.39 14.85
N VAL A 257 -4.02 15.79 13.90
CA VAL A 257 -3.49 15.31 12.62
C VAL A 257 -2.85 16.46 11.80
N GLU A 258 -3.41 17.68 11.89
CA GLU A 258 -2.88 18.83 11.14
C GLU A 258 -1.49 19.22 11.63
N GLU A 259 -1.27 19.19 12.95
CA GLU A 259 0.04 19.50 13.54
C GLU A 259 1.02 18.36 13.25
N ILE A 260 0.55 17.10 13.26
CA ILE A 260 1.37 15.92 13.02
C ILE A 260 1.86 15.91 11.56
N ALA A 261 1.00 16.27 10.60
CA ALA A 261 1.38 16.31 9.18
C ALA A 261 2.55 17.28 8.95
N LEU A 262 2.50 18.48 9.55
CA LEU A 262 3.59 19.46 9.39
C LEU A 262 4.88 18.97 10.05
N LYS A 263 4.76 18.32 11.21
CA LYS A 263 5.91 17.79 11.94
C LYS A 263 6.61 16.65 11.20
N ILE A 264 5.86 15.87 10.41
CA ILE A 264 6.44 14.77 9.63
C ILE A 264 7.23 15.38 8.45
N SER A 265 6.60 16.31 7.71
CA SER A 265 7.22 17.03 6.59
C SER A 265 8.51 17.73 7.03
N GLN A 266 8.49 18.33 8.24
CA GLN A 266 9.62 19.03 8.87
C GLN A 266 10.85 18.14 9.16
N LEU A 267 10.71 16.80 9.11
CA LEU A 267 11.84 15.90 9.44
C LEU A 267 12.99 15.99 8.42
N PRO A 268 14.24 15.57 8.75
CA PRO A 268 15.34 15.73 7.78
C PRO A 268 15.15 14.97 6.49
N LYS A 269 15.74 15.46 5.41
CA LYS A 269 15.67 14.84 4.09
C LYS A 269 17.08 14.63 3.57
N ALA A 270 17.32 13.46 2.94
CA ALA A 270 18.61 13.11 2.37
C ALA A 270 18.96 13.98 1.15
N SER A 271 17.93 14.47 0.43
CA SER A 271 18.09 15.30 -0.75
C SER A 271 17.09 16.43 -0.66
N GLY A 272 17.55 17.66 -0.85
CA GLY A 272 16.69 18.82 -0.85
C GLY A 272 16.05 19.12 -2.21
N THR A 273 16.21 18.23 -3.22
CA THR A 273 15.65 18.45 -4.56
C THR A 273 14.13 18.69 -4.49
N HIS A 274 13.43 17.79 -3.79
CA HIS A 274 12.00 17.90 -3.57
C HIS A 274 11.74 18.10 -2.09
N LYS A 275 10.59 18.69 -1.74
CA LYS A 275 10.18 18.80 -0.35
C LYS A 275 9.41 17.51 0.02
N LYS A 276 9.19 17.26 1.33
CA LYS A 276 8.40 16.10 1.75
C LYS A 276 6.95 16.56 1.94
N ILE A 277 6.02 15.97 1.20
CA ILE A 277 4.60 16.29 1.32
C ILE A 277 3.93 15.13 2.06
N THR A 278 3.22 15.42 3.16
CA THR A 278 2.55 14.43 4.01
C THR A 278 1.07 14.46 3.74
N VAL A 279 0.48 13.34 3.30
CA VAL A 279 -0.94 13.22 3.01
C VAL A 279 -1.54 12.25 4.02
N ILE A 280 -2.47 12.72 4.87
CA ILE A 280 -3.11 11.90 5.88
C ILE A 280 -4.64 11.90 5.69
N THR A 281 -5.23 10.71 5.54
CA THR A 281 -6.67 10.54 5.37
C THR A 281 -7.36 10.39 6.73
N GLN A 282 -8.63 10.78 6.81
CA GLN A 282 -9.41 10.74 8.05
C GLN A 282 -10.81 10.13 7.80
N GLY A 283 -10.87 9.07 6.98
CA GLY A 283 -12.12 8.41 6.66
C GLY A 283 -13.11 9.34 5.97
N CYS A 284 -14.26 9.59 6.63
CA CYS A 284 -15.27 10.51 6.09
C CYS A 284 -14.92 12.00 6.36
N ASP A 285 -13.92 12.29 7.22
CA ASP A 285 -13.49 13.65 7.53
C ASP A 285 -12.44 14.10 6.47
N PRO A 286 -12.21 15.43 6.24
CA PRO A 286 -11.31 15.84 5.15
C PRO A 286 -9.88 15.28 5.16
N VAL A 287 -9.26 15.26 3.96
CA VAL A 287 -7.89 14.80 3.78
C VAL A 287 -6.97 15.96 4.18
N VAL A 288 -5.97 15.68 5.01
CA VAL A 288 -5.00 16.67 5.49
C VAL A 288 -3.72 16.55 4.68
N VAL A 289 -3.25 17.64 4.04
CA VAL A 289 -2.02 17.63 3.26
C VAL A 289 -1.09 18.74 3.71
N ALA A 290 0.12 18.39 4.20
CA ALA A 290 1.13 19.36 4.59
C ALA A 290 2.04 19.54 3.39
N ASP A 291 2.17 20.79 2.90
CA ASP A 291 2.94 21.07 1.71
C ASP A 291 3.51 22.49 1.81
N ASP A 292 4.84 22.61 1.88
CA ASP A 292 5.58 23.89 1.94
C ASP A 292 5.27 24.73 3.19
N GLY A 293 4.98 24.06 4.31
CA GLY A 293 4.68 24.73 5.57
C GLY A 293 3.24 25.14 5.76
N LYS A 294 2.35 24.79 4.83
CA LYS A 294 0.94 25.13 4.91
C LYS A 294 0.08 23.85 4.86
N VAL A 295 -1.02 23.83 5.64
CA VAL A 295 -1.95 22.69 5.72
C VAL A 295 -3.14 22.93 4.82
N LYS A 296 -3.41 22.00 3.89
CA LYS A 296 -4.53 22.07 2.97
C LYS A 296 -5.50 20.93 3.27
N THR A 297 -6.74 21.25 3.69
CA THR A 297 -7.78 20.26 3.95
C THR A 297 -8.69 20.14 2.72
N PHE A 298 -9.09 18.91 2.38
CA PHE A 298 -9.93 18.65 1.22
C PHE A 298 -11.10 17.74 1.61
N PRO A 299 -12.37 18.22 1.63
CA PRO A 299 -13.48 17.31 1.98
C PRO A 299 -13.59 16.15 1.00
N VAL A 300 -14.00 14.98 1.49
CA VAL A 300 -14.11 13.77 0.65
C VAL A 300 -15.50 13.72 -0.06
N ILE A 301 -15.68 12.78 -0.99
CA ILE A 301 -16.96 12.63 -1.70
C ILE A 301 -17.98 12.11 -0.69
N LEU A 302 -19.05 12.88 -0.40
CA LEU A 302 -20.08 12.46 0.56
C LEU A 302 -20.74 11.17 0.11
N LEU A 303 -20.79 10.17 1.00
CA LEU A 303 -21.36 8.87 0.68
C LEU A 303 -22.33 8.37 1.76
N PRO A 304 -23.62 8.06 1.46
CA PRO A 304 -24.49 7.49 2.51
C PRO A 304 -24.03 6.11 2.96
N LYS A 305 -24.33 5.76 4.22
CA LYS A 305 -23.91 4.48 4.83
C LYS A 305 -24.46 3.24 4.11
N GLU A 306 -25.59 3.36 3.38
CA GLU A 306 -26.18 2.21 2.67
C GLU A 306 -25.31 1.84 1.46
N LYS A 307 -24.75 2.86 0.75
CA LYS A 307 -23.88 2.63 -0.40
C LYS A 307 -22.48 2.20 0.03
N LEU A 308 -22.03 2.57 1.26
CA LEU A 308 -20.71 2.14 1.76
C LEU A 308 -20.75 0.63 2.03
N VAL A 309 -20.26 -0.15 1.05
CA VAL A 309 -20.26 -1.62 1.15
C VAL A 309 -19.07 -2.14 1.96
N ASP A 310 -17.83 -1.75 1.59
CA ASP A 310 -16.63 -2.28 2.24
C ASP A 310 -15.45 -1.29 2.13
N THR A 311 -14.86 -0.93 3.29
CA THR A 311 -13.70 -0.03 3.34
C THR A 311 -12.35 -0.77 3.12
N ASN A 312 -12.39 -1.98 2.54
CA ASN A 312 -11.19 -2.79 2.27
C ASN A 312 -10.49 -2.23 1.04
N GLY A 313 -9.23 -1.85 1.19
CA GLY A 313 -8.46 -1.25 0.11
C GLY A 313 -8.82 0.19 -0.19
N ALA A 314 -9.45 0.90 0.77
CA ALA A 314 -9.81 2.31 0.62
C ALA A 314 -8.54 3.17 0.65
N GLY A 315 -7.62 2.86 1.56
CA GLY A 315 -6.36 3.57 1.69
C GLY A 315 -5.41 3.25 0.55
N ASP A 316 -5.39 1.98 0.10
CA ASP A 316 -4.52 1.58 -1.01
C ASP A 316 -5.00 2.20 -2.34
N ALA A 317 -6.32 2.28 -2.55
CA ALA A 317 -6.88 2.90 -3.76
C ALA A 317 -6.70 4.43 -3.75
N PHE A 318 -6.70 5.05 -2.55
CA PHE A 318 -6.47 6.48 -2.40
C PHE A 318 -5.07 6.82 -2.93
N VAL A 319 -4.07 6.01 -2.56
CA VAL A 319 -2.69 6.21 -3.02
C VAL A 319 -2.64 6.03 -4.53
N GLY A 320 -3.28 4.97 -5.04
CA GLY A 320 -3.37 4.70 -6.47
C GLY A 320 -3.89 5.85 -7.30
N GLY A 321 -5.02 6.43 -6.89
CA GLY A 321 -5.58 7.58 -7.57
C GLY A 321 -4.66 8.78 -7.54
N PHE A 322 -4.04 9.04 -6.38
CA PHE A 322 -3.08 10.12 -6.20
C PHE A 322 -1.89 9.95 -7.18
N LEU A 323 -1.36 8.72 -7.28
CA LEU A 323 -0.22 8.40 -8.15
C LEU A 323 -0.56 8.57 -9.62
N SER A 324 -1.82 8.28 -10.02
CA SER A 324 -2.22 8.42 -11.41
C SER A 324 -2.05 9.87 -11.94
N GLN A 325 -2.33 10.89 -11.10
CA GLN A 325 -2.19 12.29 -11.50
C GLN A 325 -0.78 12.83 -11.20
N LEU A 326 -0.12 12.32 -10.17
CA LEU A 326 1.25 12.71 -9.83
C LEU A 326 2.19 12.36 -11.00
N VAL A 327 1.98 11.19 -11.62
CA VAL A 327 2.69 10.69 -12.81
C VAL A 327 2.51 11.67 -14.01
N GLN A 328 1.32 12.27 -14.17
CA GLN A 328 1.05 13.23 -15.24
C GLN A 328 1.45 14.69 -14.89
N GLU A 329 2.29 14.91 -13.83
CA GLU A 329 2.74 16.22 -13.37
C GLU A 329 1.59 17.21 -13.05
N LYS A 330 0.53 16.72 -12.40
CA LYS A 330 -0.62 17.55 -12.04
C LYS A 330 -0.43 18.15 -10.63
N ASN A 331 -1.20 19.20 -10.33
CA ASN A 331 -1.15 19.87 -9.01
C ASN A 331 -1.68 18.96 -7.89
N ILE A 332 -1.40 19.30 -6.62
CA ILE A 332 -1.80 18.50 -5.46
C ILE A 332 -3.33 18.45 -5.30
N ASP A 333 -4.06 19.50 -5.69
CA ASP A 333 -5.54 19.47 -5.63
C ASP A 333 -6.10 18.35 -6.51
N GLU A 334 -5.57 18.18 -7.74
CA GLU A 334 -6.00 17.13 -8.67
C GLU A 334 -5.52 15.74 -8.26
N CYS A 335 -4.42 15.64 -7.51
CA CYS A 335 -3.93 14.37 -6.98
C CYS A 335 -4.93 13.89 -5.91
N VAL A 336 -5.34 14.78 -4.99
CA VAL A 336 -6.29 14.45 -3.93
C VAL A 336 -7.68 14.21 -4.52
N ARG A 337 -8.06 14.95 -5.58
CA ARG A 337 -9.36 14.75 -6.21
C ARG A 337 -9.45 13.35 -6.83
N ALA A 338 -8.39 12.88 -7.52
CA ALA A 338 -8.34 11.54 -8.10
C ALA A 338 -8.19 10.45 -7.02
N ALA A 339 -7.50 10.77 -5.92
CA ALA A 339 -7.32 9.88 -4.78
C ALA A 339 -8.68 9.63 -4.10
N CYS A 340 -9.53 10.66 -4.01
CA CYS A 340 -10.86 10.52 -3.42
C CYS A 340 -11.79 9.79 -4.38
N TYR A 341 -11.67 10.01 -5.70
CA TYR A 341 -12.49 9.31 -6.68
C TYR A 341 -12.20 7.81 -6.62
N ALA A 342 -10.92 7.42 -6.62
CA ALA A 342 -10.53 6.01 -6.62
C ALA A 342 -10.99 5.30 -5.35
N ALA A 343 -10.78 5.93 -4.19
CA ALA A 343 -11.21 5.36 -2.91
C ALA A 343 -12.75 5.27 -2.85
N ASN A 344 -13.46 6.31 -3.32
CA ASN A 344 -14.92 6.34 -3.32
C ASN A 344 -15.49 5.20 -4.16
N VAL A 345 -14.88 4.89 -5.31
CA VAL A 345 -15.33 3.81 -6.18
C VAL A 345 -15.20 2.46 -5.44
N VAL A 346 -14.00 2.17 -4.90
CA VAL A 346 -13.64 0.94 -4.20
C VAL A 346 -14.54 0.66 -2.98
N ILE A 347 -14.86 1.69 -2.17
CA ILE A 347 -15.68 1.48 -0.97
C ILE A 347 -17.13 1.11 -1.31
N GLN A 348 -17.65 1.53 -2.47
CA GLN A 348 -19.00 1.15 -2.88
C GLN A 348 -19.08 -0.29 -3.47
N ARG A 349 -17.96 -1.01 -3.56
CA ARG A 349 -17.88 -2.37 -4.13
C ARG A 349 -17.15 -3.30 -3.15
N SER A 350 -17.39 -4.62 -3.26
CA SER A 350 -16.74 -5.58 -2.37
C SER A 350 -15.24 -5.62 -2.66
N GLY A 351 -14.43 -5.48 -1.62
CA GLY A 351 -12.97 -5.48 -1.76
C GLY A 351 -12.44 -4.28 -2.52
N CYS A 352 -11.25 -4.44 -3.11
CA CYS A 352 -10.60 -3.39 -3.90
C CYS A 352 -10.87 -3.62 -5.40
N THR A 353 -12.16 -3.55 -5.78
CA THR A 353 -12.59 -3.74 -7.15
C THR A 353 -13.12 -2.41 -7.74
N TYR A 354 -13.28 -2.35 -9.07
CA TYR A 354 -13.71 -1.12 -9.76
C TYR A 354 -14.32 -1.43 -11.15
N PRO A 355 -15.07 -0.50 -11.79
CA PRO A 355 -15.62 -0.80 -13.12
C PRO A 355 -14.55 -0.99 -14.21
N GLU A 356 -14.96 -1.42 -15.40
CA GLU A 356 -14.08 -1.65 -16.56
C GLU A 356 -13.14 -0.46 -16.81
N LYS A 357 -13.70 0.76 -16.97
CA LYS A 357 -12.95 1.98 -17.24
C LYS A 357 -13.27 3.06 -16.19
N PRO A 358 -12.32 3.95 -15.84
CA PRO A 358 -12.64 5.01 -14.87
C PRO A 358 -13.41 6.18 -15.50
N ASP A 359 -14.17 6.92 -14.68
CA ASP A 359 -14.93 8.10 -15.11
C ASP A 359 -14.46 9.30 -14.27
N PHE A 360 -13.15 9.59 -14.33
CA PHE A 360 -12.55 10.72 -13.62
C PHE A 360 -12.21 11.80 -14.65
N ASN A 361 -12.87 12.98 -14.56
CA ASN A 361 -12.67 14.10 -15.48
C ASN A 361 -12.70 15.45 -14.74
#